data_3VV2
#
_entry.id   3VV2
#
_cell.length_a   65.051
_cell.length_b   68.583
_cell.length_c   74.054
_cell.angle_alpha   90.00
_cell.angle_beta   90.00
_cell.angle_gamma   90.00
#
_symmetry.space_group_name_H-M   'P 21 21 21'
#
loop_
_entity.id
_entity.type
_entity.pdbx_description
1 polymer Tk-subtilisin
2 polymer 'PROPEPTIDE from Tk-subtilisin'
3 non-polymer 'CALCIUM ION'
4 non-polymer 'CHLORIDE ION'
5 non-polymer 'ZINC ION'
6 water water
#
loop_
_entity_poly.entity_id
_entity_poly.type
_entity_poly.pdbx_seq_one_letter_code
_entity_poly.pdbx_strand_id
1 'polypeptide(L)'
;GKPSWLGGGSTQPAQTIPWGIERVKAPSVWSITDGSVSVIQVAVLDTGVDYDHPDLAANIAWCVSTLRGKVSTKLRDCAD
QNGHGTHVIGTIAALNNDIGVVGVAPGVQIYSVRVLDARGSGSYSDIAIGIEQAILGPDGVADKDGDGIIAGDPDDDAAE
VISMSLGGPADDSYLYDMIIQAYNAGIVIVAASGNEGAPSPSYPAAYPEVIAVGAIDSNDNIASFSNRQPEVSAPGVDIL
STYPDDSYETLMGTAMATPHVSGVVALIQAAYYQKYGKILPVGTFDDISKNTVRGILHITADDLGPTGWDADYGYGVVRA
ALAVQAALG
;
A
2 'polypeptide(L)' GEQNTIRVIVSVDKAKFNPHEVLGIGGHIVYQFKLIPAVVVDVPANAVGKLKKMPGVEKVEFDHQAVLP B
#
# COMPACT_ATOMS: atom_id res chain seq x y z
N SER A 10 13.95 -5.84 -27.50
CA SER A 10 14.54 -5.14 -26.31
C SER A 10 15.61 -5.98 -25.58
N THR A 11 16.74 -5.32 -25.35
CA THR A 11 18.01 -5.92 -24.87
C THR A 11 18.17 -5.98 -23.33
N GLN A 12 17.69 -7.06 -22.71
CA GLN A 12 17.71 -7.16 -21.24
C GLN A 12 19.11 -7.31 -20.66
N PRO A 13 19.52 -6.37 -19.80
CA PRO A 13 20.84 -6.35 -19.16
C PRO A 13 20.94 -7.44 -18.07
N ALA A 14 22.16 -7.81 -17.66
CA ALA A 14 22.32 -8.90 -16.69
C ALA A 14 21.89 -8.43 -15.31
N GLN A 15 21.45 -9.36 -14.46
CA GLN A 15 20.80 -8.94 -13.21
C GLN A 15 21.77 -8.19 -12.35
N THR A 16 21.30 -7.15 -11.70
CA THR A 16 22.11 -6.52 -10.63
C THR A 16 21.28 -6.41 -9.35
N ILE A 17 21.92 -6.20 -8.19
CA ILE A 17 21.15 -6.04 -6.95
C ILE A 17 21.32 -4.61 -6.48
N PRO A 18 20.24 -3.82 -6.56
CA PRO A 18 20.30 -2.40 -6.23
C PRO A 18 20.80 -2.26 -4.84
N TRP A 19 21.53 -1.19 -4.59
CA TRP A 19 22.12 -0.97 -3.29
C TRP A 19 21.04 -0.97 -2.20
N GLY A 20 19.82 -0.53 -2.50
CA GLY A 20 18.72 -0.54 -1.51
C GLY A 20 18.30 -1.91 -0.97
N ILE A 21 18.29 -2.86 -1.88
CA ILE A 21 17.98 -4.25 -1.55
C ILE A 21 18.99 -4.81 -0.59
N GLU A 22 20.25 -4.48 -0.82
CA GLU A 22 21.35 -4.96 0.01
C GLU A 22 21.42 -4.19 1.32
N ARG A 23 20.81 -3.00 1.36
CA ARG A 23 20.83 -2.20 2.61
C ARG A 23 19.83 -2.71 3.63
N VAL A 24 18.65 -3.15 3.10
CA VAL A 24 17.57 -3.63 3.96
C VAL A 24 17.75 -5.12 4.29
N LYS A 25 18.94 -5.64 3.89
CA LYS A 25 19.36 -7.01 4.26
C LYS A 25 18.36 -8.07 3.80
N ALA A 26 18.00 -8.01 2.52
CA ALA A 26 17.02 -8.93 1.99
C ALA A 26 17.68 -10.18 1.46
N PRO A 27 18.80 -10.05 0.68
CA PRO A 27 19.38 -11.27 0.10
C PRO A 27 19.67 -12.43 1.03
N SER A 28 20.07 -12.20 2.30
CA SER A 28 20.33 -13.39 3.12
C SER A 28 19.04 -14.16 3.56
N VAL A 29 17.89 -13.54 3.37
CA VAL A 29 16.61 -14.17 3.72
C VAL A 29 16.16 -15.16 2.65
N TRP A 30 16.65 -15.02 1.42
CA TRP A 30 16.02 -15.77 0.32
C TRP A 30 16.06 -17.29 0.43
N SER A 31 17.11 -17.81 1.09
CA SER A 31 17.28 -19.26 1.30
C SER A 31 16.22 -19.76 2.25
N ILE A 32 15.65 -18.85 3.05
CA ILE A 32 14.55 -19.22 3.93
C ILE A 32 13.26 -19.10 3.17
N THR A 33 12.95 -17.89 2.64
CA THR A 33 11.79 -17.71 1.78
C THR A 33 12.08 -16.54 0.86
N ASP A 34 11.55 -16.59 -0.36
CA ASP A 34 11.61 -15.43 -1.20
C ASP A 34 10.23 -14.80 -1.16
N GLY A 35 9.35 -15.27 -0.32
CA GLY A 35 8.04 -14.69 -0.19
C GLY A 35 6.96 -15.46 -0.96
N SER A 36 7.37 -16.47 -1.70
CA SER A 36 6.44 -17.29 -2.44
C SER A 36 5.88 -18.37 -1.51
N VAL A 37 5.18 -17.96 -0.50
CA VAL A 37 4.28 -18.77 0.25
C VAL A 37 2.84 -18.48 -0.26
N SER A 38 2.15 -19.52 -0.72
CA SER A 38 0.89 -19.33 -1.46
C SER A 38 -0.23 -18.43 -0.83
N VAL A 39 -0.33 -18.43 0.50
CA VAL A 39 -1.37 -17.62 1.12
C VAL A 39 -1.03 -16.06 1.05
N ILE A 40 0.25 -15.74 0.84
CA ILE A 40 0.75 -14.32 0.90
C ILE A 40 0.61 -13.56 -0.42
N GLN A 41 -0.15 -12.46 -0.40
CA GLN A 41 -0.09 -11.51 -1.51
C GLN A 41 0.21 -10.09 -0.98
N VAL A 42 0.89 -9.30 -1.80
CA VAL A 42 1.07 -7.88 -1.50
C VAL A 42 0.32 -7.12 -2.55
N ALA A 43 -0.62 -6.30 -2.08
CA ALA A 43 -1.39 -5.35 -2.90
C ALA A 43 -0.68 -3.99 -2.97
N VAL A 44 -0.38 -3.60 -4.19
CA VAL A 44 0.26 -2.33 -4.44
C VAL A 44 -0.70 -1.37 -5.14
N LEU A 45 -1.16 -0.37 -4.42
CA LEU A 45 -2.05 0.63 -4.90
C LEU A 45 -1.26 1.78 -5.49
N ASP A 46 -1.19 1.87 -6.80
CA ASP A 46 -0.32 2.82 -7.48
C ASP A 46 -0.83 3.12 -8.92
N THR A 47 0.05 3.53 -9.80
CA THR A 47 -0.32 3.83 -11.17
C THR A 47 -0.58 2.65 -12.09
N GLY A 48 -0.55 1.45 -11.54
CA GLY A 48 -0.65 0.25 -12.32
C GLY A 48 0.68 -0.44 -12.56
N VAL A 49 0.67 -1.43 -13.44
CA VAL A 49 1.86 -2.21 -13.74
C VAL A 49 2.08 -2.62 -15.19
N ASP A 50 3.35 -2.68 -15.52
CA ASP A 50 3.72 -3.11 -16.85
C ASP A 50 3.60 -4.62 -16.76
N TYR A 51 2.38 -5.14 -16.98
CA TYR A 51 2.12 -6.50 -16.48
C TYR A 51 2.89 -7.53 -17.23
N ASP A 52 3.42 -7.19 -18.36
CA ASP A 52 4.16 -8.13 -19.19
C ASP A 52 5.68 -8.03 -19.02
N HIS A 53 6.17 -7.13 -18.13
CA HIS A 53 7.59 -7.00 -17.93
C HIS A 53 8.22 -8.32 -17.64
N PRO A 54 9.38 -8.58 -18.29
CA PRO A 54 9.98 -9.90 -18.06
C PRO A 54 10.46 -10.13 -16.60
N ASP A 55 10.80 -9.07 -15.88
CA ASP A 55 11.35 -9.21 -14.53
C ASP A 55 10.25 -9.08 -13.50
N LEU A 56 9.00 -8.92 -13.96
CA LEU A 56 7.79 -8.85 -13.09
C LEU A 56 6.67 -9.88 -13.34
N ALA A 57 6.47 -10.29 -14.60
CA ALA A 57 5.18 -10.95 -14.99
C ALA A 57 4.77 -12.17 -14.14
N ALA A 58 5.72 -13.04 -13.87
CA ALA A 58 5.37 -14.26 -13.14
C ALA A 58 4.79 -13.95 -11.77
N ASN A 59 5.18 -12.79 -11.19
CA ASN A 59 4.65 -12.44 -9.87
C ASN A 59 3.35 -11.64 -9.81
N ILE A 60 2.81 -11.22 -10.96
CA ILE A 60 1.59 -10.42 -11.00
C ILE A 60 0.42 -11.36 -10.94
N ALA A 61 -0.14 -11.50 -9.74
CA ALA A 61 -1.21 -12.46 -9.46
C ALA A 61 -2.61 -11.92 -9.83
N TRP A 62 -2.77 -10.61 -9.74
CA TRP A 62 -4.01 -9.94 -10.06
C TRP A 62 -3.73 -8.51 -10.45
N CYS A 63 -4.46 -8.04 -11.45
CA CYS A 63 -4.23 -6.73 -12.03
C CYS A 63 -5.64 -6.13 -12.17
N VAL A 64 -5.85 -4.99 -11.53
CA VAL A 64 -7.16 -4.37 -11.50
C VAL A 64 -7.05 -2.87 -11.33
N SER A 65 -8.11 -2.19 -11.72
CA SER A 65 -8.18 -0.73 -11.63
C SER A 65 -9.44 -0.21 -10.90
N THR A 66 -9.31 0.90 -10.16
CA THR A 66 -10.50 1.48 -9.55
C THR A 66 -10.70 2.89 -10.01
N LEU A 67 -10.11 3.27 -11.13
CA LEU A 67 -10.12 4.67 -11.58
C LEU A 67 -11.50 5.21 -11.87
N ARG A 68 -11.79 6.36 -11.33
CA ARG A 68 -13.10 7.04 -11.43
C ARG A 68 -14.29 6.30 -10.77
N GLY A 69 -14.02 5.43 -9.81
CA GLY A 69 -15.09 4.82 -9.02
C GLY A 69 -15.68 3.58 -9.72
N LYS A 70 -14.98 3.12 -10.75
CA LYS A 70 -15.40 1.96 -11.56
C LYS A 70 -14.36 0.85 -11.50
N VAL A 71 -14.72 -0.29 -10.93
CA VAL A 71 -13.76 -1.37 -10.77
C VAL A 71 -13.60 -2.13 -12.06
N SER A 72 -12.40 -2.23 -12.57
CA SER A 72 -12.21 -2.96 -13.82
C SER A 72 -11.13 -4.01 -13.67
N THR A 73 -11.39 -5.21 -14.22
CA THR A 73 -10.37 -6.24 -14.20
C THR A 73 -9.80 -6.37 -15.58
N LYS A 74 -10.21 -5.45 -16.47
CA LYS A 74 -9.65 -5.48 -17.83
C LYS A 74 -8.19 -5.20 -17.75
N LEU A 75 -7.38 -5.91 -18.56
CA LEU A 75 -5.93 -5.68 -18.57
C LEU A 75 -5.59 -4.31 -19.09
N ARG A 76 -6.23 -3.89 -20.19
CA ARG A 76 -5.95 -2.53 -20.72
C ARG A 76 -6.14 -1.38 -19.69
N ASP A 77 -7.12 -1.54 -18.81
CA ASP A 77 -7.44 -0.53 -17.80
C ASP A 77 -6.46 -0.65 -16.62
N CYS A 78 -5.91 -1.85 -16.40
CA CYS A 78 -4.99 -2.05 -15.24
C CYS A 78 -3.50 -1.71 -15.57
N ALA A 79 -3.17 -1.57 -16.86
CA ALA A 79 -1.77 -1.29 -17.30
C ALA A 79 -1.21 0.09 -16.82
N ASP A 80 0.08 0.15 -16.59
CA ASP A 80 0.69 1.35 -16.01
C ASP A 80 0.94 2.27 -17.20
N GLN A 81 0.39 3.47 -17.16
CA GLN A 81 0.64 4.46 -18.18
C GLN A 81 1.61 5.53 -17.67
N ASN A 82 2.10 5.30 -16.47
CA ASN A 82 2.99 6.29 -15.83
C ASN A 82 4.42 5.83 -15.57
N GLY A 83 4.57 4.72 -14.83
CA GLY A 83 5.87 4.13 -14.58
C GLY A 83 6.11 3.93 -13.13
N HIS A 84 5.56 4.85 -12.36
CA HIS A 84 5.71 4.86 -10.88
C HIS A 84 5.28 3.49 -10.26
N GLY A 85 4.09 3.00 -10.61
CA GLY A 85 3.69 1.63 -10.18
C GLY A 85 4.65 0.51 -10.50
N THR A 86 5.11 0.46 -11.74
CA THR A 86 5.99 -0.60 -12.13
C THR A 86 7.32 -0.54 -11.32
N HIS A 87 7.78 0.66 -11.05
CA HIS A 87 9.02 0.91 -10.33
C HIS A 87 8.84 0.37 -8.89
N VAL A 88 7.79 0.83 -8.25
CA VAL A 88 7.44 0.37 -6.90
C VAL A 88 7.36 -1.15 -6.82
N ILE A 89 6.59 -1.74 -7.76
CA ILE A 89 6.35 -3.17 -7.68
C ILE A 89 7.67 -3.91 -7.83
N GLY A 90 8.57 -3.38 -8.66
CA GLY A 90 9.84 -4.07 -8.91
C GLY A 90 10.78 -4.01 -7.68
N THR A 91 10.64 -3.00 -6.88
CA THR A 91 11.36 -3.01 -5.61
C THR A 91 10.90 -4.09 -4.64
N ILE A 92 9.58 -4.37 -4.62
CA ILE A 92 9.09 -5.44 -3.76
C ILE A 92 9.41 -6.81 -4.36
N ALA A 93 9.23 -6.93 -5.66
CA ALA A 93 9.01 -8.26 -6.24
C ALA A 93 9.76 -8.60 -7.55
N ALA A 94 10.65 -7.74 -8.02
CA ALA A 94 11.36 -8.11 -9.25
C ALA A 94 12.01 -9.53 -9.05
N LEU A 95 11.86 -10.37 -10.07
CA LEU A 95 12.24 -11.81 -10.06
C LEU A 95 13.73 -12.00 -9.89
N ASN A 96 14.13 -13.03 -9.15
CA ASN A 96 15.52 -13.30 -8.92
C ASN A 96 15.94 -14.23 -10.08
N ASN A 97 16.66 -13.68 -11.03
CA ASN A 97 17.02 -14.40 -12.21
C ASN A 97 18.23 -13.79 -12.91
N ASP A 98 18.42 -14.16 -14.16
CA ASP A 98 19.46 -13.51 -14.99
C ASP A 98 19.37 -12.12 -15.56
N ILE A 99 18.21 -11.50 -15.38
CA ILE A 99 17.96 -10.19 -15.93
C ILE A 99 17.58 -9.12 -14.90
N GLY A 100 17.90 -7.88 -15.24
CA GLY A 100 17.30 -6.70 -14.60
C GLY A 100 17.73 -6.40 -13.19
N VAL A 101 16.74 -6.36 -12.28
CA VAL A 101 17.01 -6.14 -10.86
C VAL A 101 16.37 -7.25 -10.06
N VAL A 102 16.39 -7.16 -8.73
CA VAL A 102 15.65 -8.15 -7.93
C VAL A 102 14.94 -7.45 -6.75
N GLY A 103 13.77 -7.94 -6.36
CA GLY A 103 12.99 -7.33 -5.28
C GLY A 103 13.38 -7.84 -3.93
N VAL A 104 12.90 -7.12 -2.91
CA VAL A 104 13.11 -7.51 -1.58
C VAL A 104 12.54 -8.94 -1.31
N ALA A 105 11.35 -9.20 -1.85
CA ALA A 105 10.64 -10.48 -1.73
C ALA A 105 10.41 -10.97 -3.19
N PRO A 106 11.46 -11.55 -3.81
CA PRO A 106 11.42 -11.69 -5.25
C PRO A 106 10.58 -12.86 -5.76
N GLY A 107 10.05 -13.69 -4.86
CA GLY A 107 8.94 -14.60 -5.26
C GLY A 107 7.52 -14.24 -4.80
N VAL A 108 7.30 -13.05 -4.27
CA VAL A 108 5.95 -12.79 -3.71
C VAL A 108 4.93 -12.46 -4.73
N GLN A 109 3.73 -12.96 -4.52
CA GLN A 109 2.61 -12.65 -5.38
C GLN A 109 2.19 -11.20 -5.17
N ILE A 110 1.98 -10.50 -6.26
CA ILE A 110 1.51 -9.10 -6.29
C ILE A 110 0.09 -8.90 -6.83
N TYR A 111 -0.70 -8.08 -6.10
CA TYR A 111 -1.89 -7.53 -6.69
C TYR A 111 -1.56 -6.09 -7.04
N SER A 112 -1.54 -5.78 -8.32
CA SER A 112 -1.48 -4.35 -8.77
C SER A 112 -2.91 -3.77 -8.85
N VAL A 113 -3.18 -2.82 -7.95
CA VAL A 113 -4.42 -2.13 -7.90
C VAL A 113 -4.20 -0.69 -8.36
N ARG A 114 -4.63 -0.40 -9.58
CA ARG A 114 -4.41 0.95 -10.13
C ARG A 114 -5.42 1.95 -9.60
N VAL A 115 -4.98 2.79 -8.63
CA VAL A 115 -5.80 3.87 -8.10
C VAL A 115 -5.30 5.25 -8.61
N LEU A 116 -4.19 5.28 -9.39
CA LEU A 116 -3.63 6.58 -9.80
C LEU A 116 -3.58 6.52 -11.29
N ASP A 117 -3.77 7.68 -11.93
CA ASP A 117 -3.87 7.68 -13.43
C ASP A 117 -2.59 7.87 -14.19
N ALA A 118 -2.71 7.93 -15.53
CA ALA A 118 -1.53 8.24 -16.38
C ALA A 118 -0.60 9.34 -15.82
N ARG A 119 -1.20 10.37 -15.15
CA ARG A 119 -0.41 11.49 -14.58
C ARG A 119 0.14 11.18 -13.18
N GLY A 120 -0.26 10.05 -12.62
CA GLY A 120 0.05 9.83 -11.21
C GLY A 120 -0.92 10.52 -10.24
N SER A 121 -2.00 11.14 -10.76
CA SER A 121 -3.04 11.82 -9.93
C SER A 121 -4.01 10.79 -9.34
N GLY A 122 -4.44 11.04 -8.10
CA GLY A 122 -5.38 10.15 -7.46
C GLY A 122 -6.44 10.77 -6.58
N SER A 123 -7.69 10.31 -6.76
CA SER A 123 -8.74 10.74 -5.84
CA SER A 123 -8.79 10.69 -5.88
C SER A 123 -8.81 9.79 -4.65
N TYR A 124 -9.12 10.36 -3.47
CA TYR A 124 -9.23 9.56 -2.29
C TYR A 124 -10.35 8.51 -2.50
N SER A 125 -11.36 8.85 -3.29
CA SER A 125 -12.45 7.87 -3.45
C SER A 125 -11.91 6.61 -4.12
N ASP A 126 -11.19 6.79 -5.23
CA ASP A 126 -10.51 5.67 -5.89
C ASP A 126 -9.50 4.85 -5.06
N ILE A 127 -8.74 5.54 -4.22
CA ILE A 127 -7.80 4.86 -3.31
C ILE A 127 -8.60 4.01 -2.32
N ALA A 128 -9.68 4.58 -1.87
CA ALA A 128 -10.47 3.85 -0.88
C ALA A 128 -11.11 2.60 -1.47
N ILE A 129 -11.57 2.71 -2.72
CA ILE A 129 -12.06 1.55 -3.39
C ILE A 129 -10.95 0.54 -3.60
N GLY A 130 -9.73 1.01 -3.86
CA GLY A 130 -8.53 0.16 -4.00
C GLY A 130 -8.24 -0.65 -2.78
N ILE A 131 -8.29 0.01 -1.59
CA ILE A 131 -8.13 -0.69 -0.34
C ILE A 131 -9.20 -1.77 -0.20
N GLU A 132 -10.43 -1.38 -0.50
CA GLU A 132 -11.53 -2.30 -0.53
C GLU A 132 -11.20 -3.52 -1.41
N GLN A 133 -10.75 -3.31 -2.64
CA GLN A 133 -10.45 -4.44 -3.55
C GLN A 133 -9.31 -5.35 -3.03
N ALA A 134 -8.28 -4.75 -2.38
CA ALA A 134 -7.21 -5.53 -1.75
C ALA A 134 -7.77 -6.48 -0.69
N ILE A 135 -8.79 -6.07 0.04
CA ILE A 135 -9.38 -6.91 1.07
C ILE A 135 -10.28 -7.98 0.46
N LEU A 136 -11.11 -7.57 -0.48
CA LEU A 136 -12.06 -8.46 -1.11
C LEU A 136 -11.32 -9.48 -1.96
N GLY A 137 -10.28 -9.02 -2.62
CA GLY A 137 -9.53 -9.86 -3.54
C GLY A 137 -10.35 -10.26 -4.73
N PRO A 138 -9.74 -11.02 -5.64
CA PRO A 138 -10.37 -11.32 -6.94
C PRO A 138 -11.78 -11.94 -6.84
N ASP A 139 -12.12 -12.52 -5.71
CA ASP A 139 -13.35 -13.21 -5.60
C ASP A 139 -14.49 -12.35 -5.09
N GLY A 140 -14.23 -11.09 -4.76
CA GLY A 140 -15.24 -10.14 -4.41
C GLY A 140 -15.73 -10.25 -2.98
N VAL A 141 -15.15 -11.20 -2.22
CA VAL A 141 -15.64 -11.48 -0.89
C VAL A 141 -14.45 -11.41 0.11
N ALA A 142 -14.63 -10.62 1.15
CA ALA A 142 -13.64 -10.41 2.17
C ALA A 142 -13.36 -11.72 2.93
N ASP A 143 -14.42 -12.32 3.49
CA ASP A 143 -14.30 -13.47 4.39
C ASP A 143 -15.28 -14.58 3.98
N LYS A 144 -14.89 -15.43 3.02
CA LYS A 144 -15.85 -16.33 2.37
C LYS A 144 -16.41 -17.40 3.33
N ASP A 145 -15.61 -17.86 4.27
CA ASP A 145 -16.05 -18.87 5.18
C ASP A 145 -16.56 -18.35 6.53
N GLY A 146 -16.54 -17.03 6.71
CA GLY A 146 -17.20 -16.42 7.88
C GLY A 146 -16.51 -16.59 9.19
N ASP A 147 -15.26 -17.02 9.14
CA ASP A 147 -14.50 -17.24 10.41
C ASP A 147 -13.78 -16.04 11.01
N GLY A 148 -13.83 -14.88 10.36
CA GLY A 148 -13.14 -13.67 10.93
C GLY A 148 -11.67 -13.61 10.55
N ILE A 149 -11.13 -14.66 9.92
CA ILE A 149 -9.75 -14.64 9.53
C ILE A 149 -9.79 -14.20 8.05
N ILE A 150 -9.08 -13.16 7.70
CA ILE A 150 -9.03 -12.70 6.34
C ILE A 150 -7.58 -12.75 5.82
N ALA A 151 -6.71 -11.89 6.30
CA ALA A 151 -5.34 -11.95 5.83
C ALA A 151 -4.90 -13.21 6.57
N GLY A 152 -4.10 -14.03 5.88
CA GLY A 152 -3.62 -15.29 6.45
C GLY A 152 -4.54 -16.51 6.42
N ASP A 153 -5.79 -16.33 6.01
CA ASP A 153 -6.68 -17.45 5.79
C ASP A 153 -6.45 -18.05 4.43
N PRO A 154 -5.96 -19.28 4.37
CA PRO A 154 -5.75 -19.80 3.00
C PRO A 154 -7.00 -20.00 2.14
N ASP A 155 -8.19 -20.00 2.76
CA ASP A 155 -9.49 -20.14 2.05
C ASP A 155 -9.88 -18.79 1.41
N ASP A 156 -9.32 -17.72 1.95
CA ASP A 156 -9.53 -16.42 1.28
C ASP A 156 -8.38 -15.96 0.34
N ASP A 157 -8.61 -14.88 -0.37
CA ASP A 157 -7.63 -14.35 -1.30
C ASP A 157 -7.29 -12.90 -0.99
N ALA A 158 -7.49 -12.49 0.25
CA ALA A 158 -7.18 -11.12 0.65
C ALA A 158 -5.67 -10.94 0.62
N ALA A 159 -5.20 -9.73 0.33
CA ALA A 159 -3.76 -9.46 0.47
C ALA A 159 -3.39 -9.44 1.95
N GLU A 160 -2.11 -9.68 2.22
CA GLU A 160 -1.58 -9.52 3.58
C GLU A 160 -0.89 -8.21 3.83
N VAL A 161 -0.55 -7.50 2.75
CA VAL A 161 0.15 -6.22 2.87
C VAL A 161 -0.55 -5.31 1.90
N ILE A 162 -0.84 -4.09 2.34
CA ILE A 162 -1.27 -3.05 1.41
C ILE A 162 -0.15 -2.01 1.37
N SER A 163 0.34 -1.79 0.16
CA SER A 163 1.43 -0.87 -0.05
C SER A 163 0.97 0.38 -0.77
N MET A 164 1.09 1.54 -0.13
CA MET A 164 0.61 2.82 -0.73
C MET A 164 1.71 3.86 -0.84
N SER A 165 2.32 3.94 -2.02
CA SER A 165 3.30 4.96 -2.26
C SER A 165 2.62 6.22 -2.76
N LEU A 166 1.85 6.85 -1.85
CA LEU A 166 0.97 7.95 -2.19
C LEU A 166 0.44 8.52 -0.87
N GLY A 167 -0.13 9.68 -0.99
CA GLY A 167 -0.52 10.40 0.20
C GLY A 167 -1.08 11.77 -0.15
N GLY A 168 -1.80 12.35 0.80
CA GLY A 168 -2.27 13.68 0.63
C GLY A 168 -2.57 14.31 1.97
N PRO A 169 -2.99 15.59 1.91
CA PRO A 169 -3.06 16.48 3.09
C PRO A 169 -4.38 16.26 3.85
N ALA A 170 -5.35 15.66 3.18
CA ALA A 170 -6.67 15.50 3.80
C ALA A 170 -6.79 14.26 4.67
N ASP A 171 -7.53 14.41 5.77
CA ASP A 171 -7.85 13.31 6.67
C ASP A 171 -9.37 13.14 6.69
N ASP A 172 -9.85 12.11 6.01
CA ASP A 172 -11.29 11.89 5.81
C ASP A 172 -11.77 10.66 6.46
N SER A 173 -12.91 10.79 7.12
CA SER A 173 -13.45 9.75 7.94
C SER A 173 -13.74 8.46 7.21
N TYR A 174 -14.27 8.50 5.98
CA TYR A 174 -14.56 7.23 5.25
C TYR A 174 -13.28 6.53 4.82
N LEU A 175 -12.25 7.31 4.48
CA LEU A 175 -10.95 6.69 4.19
C LEU A 175 -10.39 6.03 5.42
N TYR A 176 -10.50 6.69 6.57
CA TYR A 176 -10.04 6.09 7.79
C TYR A 176 -10.80 4.82 8.12
N ASP A 177 -12.13 4.85 8.00
CA ASP A 177 -12.99 3.64 8.17
C ASP A 177 -12.48 2.53 7.29
N MET A 178 -12.06 2.83 6.07
CA MET A 178 -11.60 1.71 5.23
C MET A 178 -10.24 1.19 5.71
N ILE A 179 -9.40 2.10 6.12
CA ILE A 179 -8.13 1.67 6.66
C ILE A 179 -8.37 0.73 7.88
N ILE A 180 -9.33 1.12 8.72
CA ILE A 180 -9.74 0.30 9.86
C ILE A 180 -10.18 -1.08 9.48
N GLN A 181 -10.90 -1.19 8.36
CA GLN A 181 -11.34 -2.48 7.89
C GLN A 181 -10.13 -3.34 7.55
N ALA A 182 -9.14 -2.75 6.90
CA ALA A 182 -7.93 -3.47 6.44
C ALA A 182 -7.16 -3.93 7.68
N TYR A 183 -6.92 -3.00 8.59
CA TYR A 183 -6.32 -3.36 9.89
C TYR A 183 -7.03 -4.56 10.56
N ASN A 184 -8.35 -4.52 10.63
CA ASN A 184 -9.08 -5.58 11.36
C ASN A 184 -9.11 -6.88 10.61
N ALA A 185 -8.83 -6.81 9.32
CA ALA A 185 -8.71 -8.01 8.51
C ALA A 185 -7.31 -8.66 8.69
N GLY A 186 -6.45 -8.01 9.47
CA GLY A 186 -5.10 -8.55 9.80
C GLY A 186 -4.05 -8.09 8.76
N ILE A 187 -4.41 -7.10 7.94
CA ILE A 187 -3.53 -6.63 6.88
C ILE A 187 -2.56 -5.57 7.42
N VAL A 188 -1.28 -5.74 7.09
CA VAL A 188 -0.28 -4.73 7.39
C VAL A 188 -0.30 -3.65 6.30
N ILE A 189 -0.43 -2.41 6.75
CA ILE A 189 -0.59 -1.29 5.81
C ILE A 189 0.64 -0.41 5.92
N VAL A 190 1.26 -0.17 4.78
CA VAL A 190 2.47 0.62 4.65
C VAL A 190 2.25 1.79 3.68
N ALA A 191 2.70 3.00 4.05
CA ALA A 191 2.50 4.14 3.16
C ALA A 191 3.63 5.21 3.18
N ALA A 192 3.85 5.86 2.07
CA ALA A 192 4.93 6.87 1.86
C ALA A 192 4.69 8.08 2.79
N SER A 193 5.71 8.50 3.59
CA SER A 193 5.53 9.73 4.37
C SER A 193 5.19 10.98 3.53
N GLY A 194 5.73 11.08 2.31
CA GLY A 194 5.55 12.24 1.44
C GLY A 194 6.87 12.99 1.29
N ASN A 195 6.92 13.88 0.30
CA ASN A 195 8.18 14.40 -0.21
C ASN A 195 8.28 15.99 -0.15
N GLU A 196 7.59 16.59 0.78
CA GLU A 196 7.52 18.06 0.90
C GLU A 196 8.60 18.56 1.84
N GLY A 197 9.34 17.63 2.44
CA GLY A 197 10.30 17.99 3.48
C GLY A 197 9.48 18.49 4.66
N ALA A 198 8.26 17.97 4.80
CA ALA A 198 7.31 18.49 5.81
C ALA A 198 7.52 17.99 7.22
N PRO A 199 6.88 18.65 8.23
CA PRO A 199 7.05 18.22 9.61
C PRO A 199 6.54 16.84 10.02
N SER A 200 5.55 16.31 9.30
CA SER A 200 4.89 15.06 9.68
C SER A 200 4.36 14.37 8.38
N PRO A 201 3.92 13.11 8.51
CA PRO A 201 3.60 12.39 7.23
C PRO A 201 2.23 12.78 6.69
N SER A 202 2.09 12.66 5.39
CA SER A 202 0.76 12.76 4.80
CA SER A 202 0.79 12.69 4.73
C SER A 202 -0.10 11.49 5.11
N TYR A 203 -1.40 11.59 4.75
CA TYR A 203 -2.35 10.52 4.97
C TYR A 203 -2.41 9.72 3.67
N PRO A 204 -2.52 8.39 3.77
CA PRO A 204 -2.85 7.75 5.06
C PRO A 204 -1.66 7.36 5.95
N ALA A 205 -0.42 7.73 5.59
CA ALA A 205 0.75 7.33 6.37
C ALA A 205 0.68 7.78 7.83
N ALA A 206 -0.07 8.85 8.07
CA ALA A 206 -0.23 9.46 9.41
C ALA A 206 -1.19 8.71 10.33
N TYR A 207 -2.00 7.79 9.82
CA TYR A 207 -2.89 7.00 10.67
C TYR A 207 -2.18 6.01 11.57
N PRO A 208 -2.68 5.81 12.80
CA PRO A 208 -1.95 4.92 13.74
C PRO A 208 -1.87 3.50 13.19
N GLU A 209 -2.86 3.09 12.43
CA GLU A 209 -2.86 1.73 11.88
C GLU A 209 -1.94 1.54 10.69
N VAL A 210 -1.27 2.57 10.25
CA VAL A 210 -0.53 2.48 8.97
C VAL A 210 0.94 2.74 9.28
N ILE A 211 1.81 1.93 8.73
CA ILE A 211 3.25 2.28 8.81
C ILE A 211 3.75 3.41 7.90
N ALA A 212 4.05 4.57 8.50
CA ALA A 212 4.70 5.66 7.76
C ALA A 212 6.21 5.45 7.37
N VAL A 213 6.56 5.62 6.10
CA VAL A 213 7.94 5.36 5.62
C VAL A 213 8.71 6.54 5.01
N GLY A 214 9.88 6.84 5.61
CA GLY A 214 10.78 7.89 5.15
C GLY A 214 11.90 7.34 4.29
N ALA A 215 12.60 8.24 3.61
CA ALA A 215 13.60 7.84 2.61
C ALA A 215 15.01 8.21 3.12
N ILE A 216 15.95 7.27 3.08
CA ILE A 216 17.37 7.53 3.27
C ILE A 216 18.13 7.45 1.93
N ASP A 217 19.32 8.07 1.88
CA ASP A 217 20.17 7.94 0.68
C ASP A 217 21.26 6.89 0.84
N SER A 218 22.07 6.70 -0.22
CA SER A 218 23.11 5.65 -0.16
C SER A 218 24.21 5.90 0.89
N ASN A 219 24.24 7.11 1.45
CA ASN A 219 25.17 7.39 2.56
C ASN A 219 24.53 7.22 3.90
N ASP A 220 23.29 6.70 3.93
CA ASP A 220 22.52 6.61 5.23
C ASP A 220 22.08 7.95 5.85
N ASN A 221 22.06 9.03 5.08
CA ASN A 221 21.41 10.24 5.62
C ASN A 221 19.94 10.31 5.20
N ILE A 222 19.10 10.88 6.05
CA ILE A 222 17.71 11.06 5.62
C ILE A 222 17.70 12.02 4.41
N ALA A 223 16.81 11.80 3.43
CA ALA A 223 16.78 12.67 2.26
C ALA A 223 16.08 13.94 2.72
N SER A 224 16.53 15.10 2.23
CA SER A 224 15.94 16.39 2.67
C SER A 224 14.46 16.48 2.34
N PHE A 225 14.04 15.85 1.24
CA PHE A 225 12.62 15.85 0.87
C PHE A 225 11.72 14.97 1.75
N SER A 226 12.30 14.03 2.51
CA SER A 226 11.48 13.06 3.30
C SER A 226 10.63 13.70 4.44
N ASN A 227 9.29 13.58 4.35
CA ASN A 227 8.42 14.06 5.42
C ASN A 227 8.79 13.42 6.73
N ARG A 228 8.93 14.28 7.75
CA ARG A 228 9.49 13.88 9.01
C ARG A 228 8.48 13.13 9.87
N GLN A 229 8.97 12.47 10.93
CA GLN A 229 8.23 11.68 11.90
C GLN A 229 7.62 10.39 11.30
N PRO A 230 8.42 9.71 10.49
CA PRO A 230 7.99 8.42 9.91
C PRO A 230 8.09 7.36 11.00
N GLU A 231 7.55 6.18 10.78
CA GLU A 231 7.69 5.09 11.70
C GLU A 231 9.03 4.34 11.44
N VAL A 232 9.34 4.10 10.16
CA VAL A 232 10.59 3.52 9.79
C VAL A 232 11.14 4.25 8.57
N SER A 233 12.35 3.92 8.17
CA SER A 233 12.90 4.52 6.96
C SER A 233 13.56 3.46 6.11
N ALA A 234 13.85 3.81 4.86
CA ALA A 234 14.26 2.80 3.89
C ALA A 234 14.83 3.51 2.69
N PRO A 235 15.64 2.81 1.88
CA PRO A 235 16.28 3.43 0.68
C PRO A 235 15.28 4.08 -0.25
N GLY A 236 15.53 5.38 -0.50
CA GLY A 236 14.60 6.25 -1.19
C GLY A 236 15.28 7.25 -2.10
N VAL A 237 16.61 7.15 -2.28
CA VAL A 237 17.37 7.99 -3.22
C VAL A 237 18.19 7.11 -4.14
N ASP A 238 18.19 7.40 -5.43
CA ASP A 238 18.91 6.62 -6.45
C ASP A 238 18.54 5.16 -6.53
N ILE A 239 17.25 4.90 -6.68
CA ILE A 239 16.73 3.56 -6.59
C ILE A 239 16.44 3.06 -7.96
N LEU A 240 17.17 2.04 -8.40
CA LEU A 240 17.00 1.46 -9.73
C LEU A 240 15.93 0.35 -9.58
N SER A 241 14.94 0.34 -10.47
CA SER A 241 13.95 -0.69 -10.46
C SER A 241 13.42 -0.87 -11.85
N THR A 242 12.41 -1.74 -11.98
CA THR A 242 11.71 -1.93 -13.27
C THR A 242 10.95 -0.66 -13.74
N TYR A 243 10.71 -0.53 -15.05
CA TYR A 243 10.09 0.69 -15.60
C TYR A 243 9.56 0.36 -16.98
N PRO A 244 8.43 0.97 -17.40
CA PRO A 244 7.91 0.65 -18.78
C PRO A 244 8.84 1.13 -19.89
N ASP A 245 8.86 0.44 -21.04
CA ASP A 245 8.11 -0.80 -21.22
C ASP A 245 9.08 -1.97 -21.32
N ASP A 246 9.13 -2.78 -20.27
CA ASP A 246 10.05 -3.87 -20.16
C ASP A 246 11.49 -3.37 -19.99
N SER A 247 11.63 -2.21 -19.34
CA SER A 247 12.93 -1.56 -19.08
C SER A 247 13.03 -0.99 -17.62
N TYR A 248 14.12 -0.30 -17.30
CA TYR A 248 14.49 0.04 -15.94
C TYR A 248 14.76 1.53 -15.81
N GLU A 249 14.71 2.03 -14.58
CA GLU A 249 14.89 3.41 -14.37
C GLU A 249 15.23 3.65 -12.92
N THR A 250 15.88 4.77 -12.70
CA THR A 250 16.35 5.14 -11.37
C THR A 250 15.55 6.35 -10.94
N LEU A 251 14.96 6.24 -9.74
CA LEU A 251 14.13 7.30 -9.16
C LEU A 251 14.40 7.56 -7.66
N MET A 252 13.89 8.67 -7.15
CA MET A 252 13.93 8.97 -5.71
C MET A 252 12.57 9.36 -5.21
N GLY A 253 12.38 9.24 -3.90
CA GLY A 253 11.17 9.66 -3.24
C GLY A 253 10.77 8.68 -2.13
N THR A 254 9.88 9.11 -1.25
CA THR A 254 9.40 8.19 -0.21
C THR A 254 8.54 7.05 -0.89
N ALA A 255 8.07 7.33 -2.10
CA ALA A 255 7.42 6.26 -2.93
C ALA A 255 8.35 5.03 -3.17
N MET A 256 9.68 5.24 -3.17
CA MET A 256 10.66 4.16 -3.43
C MET A 256 11.09 3.52 -2.13
N ALA A 257 11.11 4.29 -1.04
CA ALA A 257 11.29 3.69 0.31
C ALA A 257 10.19 2.71 0.75
N THR A 258 8.94 3.12 0.55
CA THR A 258 7.78 2.34 0.94
C THR A 258 7.87 0.83 0.57
N PRO A 259 8.11 0.50 -0.69
CA PRO A 259 8.06 -0.90 -1.10
C PRO A 259 9.17 -1.72 -0.47
N HIS A 260 10.32 -1.10 -0.11
CA HIS A 260 11.31 -1.85 0.62
C HIS A 260 10.70 -2.38 1.93
N VAL A 261 9.93 -1.53 2.62
CA VAL A 261 9.33 -1.91 3.90
C VAL A 261 8.20 -2.93 3.64
N SER A 262 7.43 -2.72 2.60
CA SER A 262 6.37 -3.66 2.31
C SER A 262 6.96 -5.04 1.96
N GLY A 263 8.03 -5.07 1.18
CA GLY A 263 8.77 -6.35 1.00
C GLY A 263 9.27 -7.02 2.25
N VAL A 264 9.82 -6.25 3.18
CA VAL A 264 10.26 -6.87 4.40
C VAL A 264 9.07 -7.52 5.17
N VAL A 265 7.91 -6.85 5.17
CA VAL A 265 6.72 -7.37 5.90
C VAL A 265 6.25 -8.65 5.21
N ALA A 266 6.32 -8.63 3.87
CA ALA A 266 6.01 -9.83 3.12
C ALA A 266 6.94 -11.02 3.44
N LEU A 267 8.24 -10.76 3.57
CA LEU A 267 9.21 -11.79 4.04
C LEU A 267 8.88 -12.26 5.45
N ILE A 268 8.50 -11.33 6.31
CA ILE A 268 8.23 -11.74 7.67
C ILE A 268 7.01 -12.70 7.73
N GLN A 269 5.89 -12.27 7.15
CA GLN A 269 4.65 -13.09 7.19
C GLN A 269 4.81 -14.36 6.38
N ALA A 270 5.55 -14.28 5.27
CA ALA A 270 5.85 -15.51 4.56
C ALA A 270 6.65 -16.53 5.41
N ALA A 271 7.74 -16.04 6.03
CA ALA A 271 8.53 -16.91 6.87
C ALA A 271 7.69 -17.48 7.98
N TYR A 272 6.90 -16.61 8.61
CA TYR A 272 6.15 -17.04 9.79
C TYR A 272 5.08 -18.07 9.45
N TYR A 273 4.44 -17.88 8.30
CA TYR A 273 3.42 -18.85 7.89
C TYR A 273 4.05 -20.19 7.41
N GLN A 274 5.10 -20.12 6.61
CA GLN A 274 5.87 -21.32 6.28
C GLN A 274 6.22 -22.16 7.53
N LYS A 275 6.54 -21.50 8.64
CA LYS A 275 6.89 -22.26 9.83
C LYS A 275 5.65 -22.67 10.64
N TYR A 276 4.69 -21.79 10.80
CA TYR A 276 3.67 -22.04 11.82
C TYR A 276 2.27 -22.26 11.27
N GLY A 277 2.05 -21.88 10.03
CA GLY A 277 0.71 -22.02 9.44
C GLY A 277 -0.27 -20.93 9.89
N LYS A 278 0.25 -19.80 10.35
CA LYS A 278 -0.57 -18.63 10.66
C LYS A 278 0.32 -17.37 10.40
N ILE A 279 -0.23 -16.16 10.41
CA ILE A 279 0.60 -14.98 10.28
C ILE A 279 0.69 -14.28 11.62
N LEU A 280 1.59 -13.32 11.72
CA LEU A 280 1.67 -12.46 12.90
C LEU A 280 0.61 -11.38 12.92
N PRO A 281 0.18 -10.94 14.13
CA PRO A 281 -0.63 -9.75 14.23
C PRO A 281 0.13 -8.55 13.66
N VAL A 282 -0.61 -7.52 13.24
CA VAL A 282 -0.05 -6.30 12.66
C VAL A 282 0.77 -5.49 13.69
N GLY A 283 0.20 -5.23 14.89
CA GLY A 283 0.86 -4.38 15.88
C GLY A 283 0.60 -2.88 15.75
N THR A 284 1.26 -2.07 16.60
CA THR A 284 0.98 -0.64 16.74
C THR A 284 2.27 0.18 16.51
N PHE A 285 2.19 1.49 16.51
CA PHE A 285 3.38 2.30 16.30
C PHE A 285 4.33 2.22 17.45
N ASP A 286 3.77 1.89 18.59
CA ASP A 286 4.37 1.87 19.93
C ASP A 286 5.17 0.61 20.19
N ASP A 287 4.88 -0.43 19.42
CA ASP A 287 5.21 -1.78 19.81
C ASP A 287 6.71 -1.97 19.80
N ILE A 288 7.22 -2.57 20.86
CA ILE A 288 8.65 -2.87 20.97
C ILE A 288 8.87 -4.31 21.39
N SER A 289 7.89 -5.17 21.08
CA SER A 289 7.99 -6.62 21.31
C SER A 289 8.28 -7.37 20.05
N LYS A 290 8.52 -8.66 20.18
CA LYS A 290 8.80 -9.53 19.06
C LYS A 290 7.55 -10.27 18.62
N ASN A 291 6.38 -9.87 19.16
CA ASN A 291 5.12 -10.62 18.96
C ASN A 291 4.22 -10.12 17.82
N THR A 292 4.60 -9.03 17.18
CA THR A 292 3.75 -8.47 16.12
C THR A 292 4.66 -8.04 14.99
N VAL A 293 4.11 -7.85 13.79
CA VAL A 293 4.97 -7.39 12.68
C VAL A 293 5.67 -6.04 12.96
N ARG A 294 4.92 -5.08 13.49
CA ARG A 294 5.47 -3.76 13.61
C ARG A 294 6.51 -3.72 14.79
N GLY A 295 6.23 -4.45 15.84
CA GLY A 295 7.24 -4.50 16.98
C GLY A 295 8.54 -5.13 16.45
N ILE A 296 8.43 -6.22 15.68
CA ILE A 296 9.63 -6.82 15.10
C ILE A 296 10.35 -5.83 14.23
N LEU A 297 9.59 -5.13 13.38
CA LEU A 297 10.19 -4.13 12.51
C LEU A 297 10.87 -3.07 13.37
N HIS A 298 10.22 -2.68 14.45
CA HIS A 298 10.88 -1.65 15.28
C HIS A 298 12.21 -2.08 15.96
N ILE A 299 12.21 -3.28 16.52
CA ILE A 299 13.31 -3.66 17.41
C ILE A 299 14.46 -4.16 16.56
N THR A 300 14.22 -4.47 15.26
CA THR A 300 15.31 -4.86 14.42
C THR A 300 15.79 -3.80 13.45
N ALA A 301 15.14 -2.65 13.45
CA ALA A 301 15.61 -1.59 12.60
C ALA A 301 17.01 -1.10 13.04
N ASP A 302 17.81 -0.70 12.06
CA ASP A 302 19.13 -0.10 12.29
C ASP A 302 18.85 1.30 12.78
N ASP A 303 18.99 1.47 14.10
CA ASP A 303 18.76 2.77 14.78
C ASP A 303 19.85 3.67 14.25
N LEU A 304 19.42 4.69 13.51
CA LEU A 304 20.33 5.68 12.99
C LEU A 304 19.97 6.95 13.76
N GLY A 305 20.79 7.98 13.57
CA GLY A 305 20.46 9.32 14.11
C GLY A 305 20.51 9.32 15.61
N PRO A 306 19.81 10.29 16.28
CA PRO A 306 19.68 10.24 17.74
C PRO A 306 19.14 8.91 18.17
N THR A 307 19.45 8.52 19.41
CA THR A 307 19.10 7.21 19.95
CA THR A 307 19.09 7.22 19.98
C THR A 307 17.61 6.93 19.95
N GLY A 308 17.25 5.76 19.41
CA GLY A 308 15.86 5.35 19.47
C GLY A 308 15.15 6.02 18.30
N TRP A 309 13.83 6.07 18.46
CA TRP A 309 12.92 6.68 17.46
C TRP A 309 13.20 8.14 17.45
N ASP A 310 13.31 8.68 16.25
CA ASP A 310 13.60 10.07 16.03
C ASP A 310 12.86 10.59 14.80
N ALA A 311 12.87 11.93 14.66
CA ALA A 311 11.99 12.59 13.71
C ALA A 311 12.47 12.41 12.29
N ASP A 312 13.74 12.01 12.11
CA ASP A 312 14.27 11.77 10.79
C ASP A 312 14.03 10.33 10.35
N TYR A 313 14.50 9.39 11.16
CA TYR A 313 14.58 7.99 10.68
C TYR A 313 13.43 7.14 11.20
N GLY A 314 12.55 7.70 12.00
CA GLY A 314 11.63 6.88 12.78
C GLY A 314 12.41 5.88 13.64
N TYR A 315 11.99 4.61 13.71
CA TYR A 315 12.76 3.64 14.49
C TYR A 315 14.07 3.27 13.79
N GLY A 316 14.19 3.55 12.52
CA GLY A 316 15.41 3.16 11.83
C GLY A 316 15.14 2.53 10.48
N VAL A 317 16.21 2.05 9.88
CA VAL A 317 16.19 1.40 8.57
C VAL A 317 15.79 -0.04 8.79
N VAL A 318 14.66 -0.46 8.20
CA VAL A 318 14.28 -1.87 8.26
C VAL A 318 15.39 -2.82 7.79
N ARG A 319 15.47 -3.95 8.47
CA ARG A 319 16.44 -5.01 8.21
C ARG A 319 15.75 -6.36 8.22
N ALA A 320 15.55 -6.88 7.02
CA ALA A 320 14.77 -8.08 6.80
C ALA A 320 15.39 -9.33 7.43
N ALA A 321 16.69 -9.52 7.23
CA ALA A 321 17.37 -10.73 7.76
C ALA A 321 17.14 -10.82 9.30
N LEU A 322 17.38 -9.74 10.01
CA LEU A 322 17.08 -9.75 11.47
C LEU A 322 15.62 -9.90 11.79
N ALA A 323 14.76 -9.15 11.08
CA ALA A 323 13.33 -9.20 11.32
C ALA A 323 12.81 -10.63 11.17
N VAL A 324 13.28 -11.31 10.13
CA VAL A 324 12.76 -12.70 9.92
C VAL A 324 13.32 -13.65 11.02
N GLN A 325 14.59 -13.47 11.39
CA GLN A 325 15.23 -14.30 12.42
C GLN A 325 14.45 -14.03 13.70
N ALA A 326 14.04 -12.80 13.94
CA ALA A 326 13.33 -12.51 15.17
C ALA A 326 11.91 -13.11 15.16
N ALA A 327 11.27 -13.10 13.99
CA ALA A 327 9.95 -13.65 13.80
C ALA A 327 9.98 -15.16 14.09
N LEU A 328 11.05 -15.82 13.63
CA LEU A 328 11.12 -17.27 13.67
C LEU A 328 11.69 -17.77 14.98
N GLY A 329 12.14 -16.85 15.84
CA GLY A 329 12.84 -17.25 17.08
C GLY A 329 11.97 -17.60 18.26
N THR B 5 -21.04 19.31 -11.81
CA THR B 5 -21.14 18.36 -10.65
C THR B 5 -19.79 18.18 -9.90
N ILE B 6 -19.86 17.71 -8.67
CA ILE B 6 -18.69 17.39 -7.90
C ILE B 6 -18.86 16.02 -7.26
N ARG B 7 -17.73 15.38 -6.99
CA ARG B 7 -17.76 14.06 -6.38
C ARG B 7 -17.63 14.16 -4.88
N VAL B 8 -18.53 13.52 -4.14
CA VAL B 8 -18.46 13.50 -2.68
C VAL B 8 -18.63 12.06 -2.24
N ILE B 9 -18.44 11.81 -0.94
CA ILE B 9 -18.59 10.49 -0.37
C ILE B 9 -19.45 10.63 0.85
N VAL B 10 -20.56 9.90 0.84
CA VAL B 10 -21.52 9.99 1.89
C VAL B 10 -21.40 8.77 2.79
N SER B 11 -21.22 8.99 4.10
CA SER B 11 -21.32 7.91 5.08
C SER B 11 -22.79 7.91 5.58
N VAL B 12 -23.37 6.74 5.72
CA VAL B 12 -24.79 6.60 5.94
C VAL B 12 -25.08 5.55 7.01
N ASP B 13 -26.32 5.49 7.49
CA ASP B 13 -26.86 4.25 8.09
C ASP B 13 -27.52 3.49 6.96
N LYS B 14 -26.96 2.35 6.56
CA LYS B 14 -27.46 1.57 5.41
C LYS B 14 -28.96 1.28 5.57
N ALA B 15 -29.27 0.55 6.64
CA ALA B 15 -30.66 0.18 6.92
C ALA B 15 -31.60 1.35 7.26
N LYS B 16 -31.05 2.57 7.27
CA LYS B 16 -31.81 3.82 7.17
C LYS B 16 -31.74 4.77 5.93
N PHE B 17 -30.90 4.45 4.94
CA PHE B 17 -30.63 5.31 3.74
C PHE B 17 -30.99 4.49 2.48
N ASN B 18 -31.52 5.12 1.46
CA ASN B 18 -31.68 4.39 0.16
C ASN B 18 -31.14 5.21 -1.00
N PRO B 19 -30.24 4.60 -1.77
CA PRO B 19 -29.56 5.21 -2.92
C PRO B 19 -30.45 6.00 -3.88
N HIS B 20 -31.73 5.65 -4.01
CA HIS B 20 -32.59 6.36 -4.96
C HIS B 20 -32.92 7.78 -4.54
N GLU B 21 -32.82 8.05 -3.24
CA GLU B 21 -32.87 9.40 -2.66
C GLU B 21 -32.08 10.44 -3.49
N VAL B 22 -30.88 10.08 -3.94
CA VAL B 22 -29.97 11.12 -4.46
C VAL B 22 -30.37 11.70 -5.81
N LEU B 23 -31.09 10.92 -6.62
CA LEU B 23 -31.46 11.36 -7.96
C LEU B 23 -32.39 12.59 -7.83
N GLY B 24 -33.15 12.65 -6.74
CA GLY B 24 -34.15 13.73 -6.51
C GLY B 24 -33.53 15.13 -6.41
N ILE B 25 -32.30 15.17 -5.92
CA ILE B 25 -31.60 16.44 -5.73
C ILE B 25 -30.53 16.67 -6.82
N GLY B 26 -30.55 15.85 -7.86
CA GLY B 26 -29.63 16.06 -8.97
C GLY B 26 -28.45 15.08 -8.97
N GLY B 27 -28.41 14.19 -7.98
CA GLY B 27 -27.27 13.29 -7.78
C GLY B 27 -27.31 12.05 -8.66
N HIS B 28 -26.15 11.46 -8.86
CA HIS B 28 -26.09 10.06 -9.24
C HIS B 28 -25.10 9.27 -8.39
N ILE B 29 -25.38 7.98 -8.25
CA ILE B 29 -24.58 7.09 -7.45
C ILE B 29 -23.38 6.67 -8.29
N VAL B 30 -22.15 6.83 -7.76
CA VAL B 30 -20.98 6.31 -8.47
C VAL B 30 -20.59 4.88 -8.02
N TYR B 31 -20.45 4.67 -6.72
CA TYR B 31 -19.99 3.42 -6.22
C TYR B 31 -20.49 3.28 -4.79
N GLN B 32 -21.04 2.12 -4.52
CA GLN B 32 -21.47 1.78 -3.14
C GLN B 32 -20.42 0.85 -2.50
N PHE B 33 -19.73 1.32 -1.47
CA PHE B 33 -18.77 0.46 -0.78
C PHE B 33 -19.46 -0.78 -0.21
N LYS B 34 -18.75 -1.90 -0.29
CA LYS B 34 -19.21 -3.19 0.18
C LYS B 34 -18.75 -3.42 1.63
N LEU B 35 -17.66 -2.77 2.03
CA LEU B 35 -17.07 -3.01 3.36
C LEU B 35 -17.26 -1.90 4.42
N ILE B 36 -17.57 -0.69 3.97
CA ILE B 36 -17.98 0.39 4.88
C ILE B 36 -19.36 0.88 4.47
N PRO B 37 -20.12 1.45 5.42
CA PRO B 37 -21.47 1.96 5.05
C PRO B 37 -21.28 3.35 4.47
N ALA B 38 -20.84 3.39 3.21
CA ALA B 38 -20.60 4.64 2.53
C ALA B 38 -20.83 4.55 1.02
N VAL B 39 -21.00 5.72 0.41
CA VAL B 39 -21.40 5.82 -0.99
C VAL B 39 -20.81 7.01 -1.73
N VAL B 40 -20.17 6.72 -2.87
CA VAL B 40 -19.59 7.78 -3.68
C VAL B 40 -20.67 8.30 -4.59
N VAL B 41 -20.87 9.61 -4.54
CA VAL B 41 -21.96 10.28 -5.27
C VAL B 41 -21.50 11.51 -6.05
N ASP B 42 -21.96 11.65 -7.31
CA ASP B 42 -21.83 12.93 -8.03
C ASP B 42 -23.10 13.78 -7.85
N VAL B 43 -22.93 14.98 -7.31
CA VAL B 43 -24.02 15.94 -7.07
C VAL B 43 -23.67 17.30 -7.69
N PRO B 44 -24.69 18.10 -8.07
CA PRO B 44 -24.32 19.47 -8.44
C PRO B 44 -23.78 20.20 -7.22
N ALA B 45 -22.93 21.21 -7.44
CA ALA B 45 -22.35 22.01 -6.35
C ALA B 45 -23.38 22.66 -5.42
N ASN B 46 -24.38 23.31 -6.01
CA ASN B 46 -25.48 23.91 -5.25
C ASN B 46 -26.34 22.94 -4.43
N ALA B 47 -26.18 21.63 -4.69
CA ALA B 47 -26.97 20.59 -4.03
C ALA B 47 -26.34 19.88 -2.84
N VAL B 48 -25.11 20.22 -2.49
CA VAL B 48 -24.44 19.54 -1.39
C VAL B 48 -25.18 19.78 -0.09
N GLY B 49 -25.63 21.02 0.10
CA GLY B 49 -26.54 21.36 1.23
C GLY B 49 -27.72 20.39 1.38
N LYS B 50 -28.39 20.09 0.28
CA LYS B 50 -29.55 19.16 0.29
C LYS B 50 -29.18 17.71 0.69
N LEU B 51 -28.05 17.22 0.14
CA LEU B 51 -27.55 15.88 0.49
C LEU B 51 -27.34 15.73 1.98
N LYS B 52 -26.70 16.72 2.60
CA LYS B 52 -26.45 16.71 4.05
C LYS B 52 -27.64 16.30 4.96
N LYS B 53 -28.88 16.57 4.53
CA LYS B 53 -30.10 16.38 5.34
C LYS B 53 -30.93 15.10 5.12
N MET B 54 -30.54 14.27 4.16
CA MET B 54 -31.35 13.11 3.78
C MET B 54 -31.40 12.01 4.84
N PRO B 55 -32.46 11.18 4.81
CA PRO B 55 -32.48 10.16 5.83
C PRO B 55 -31.34 9.17 5.65
N GLY B 56 -30.75 8.76 6.78
CA GLY B 56 -29.73 7.70 6.80
C GLY B 56 -28.33 8.23 6.58
N VAL B 57 -28.24 9.53 6.30
CA VAL B 57 -27.00 10.21 5.94
C VAL B 57 -26.24 10.80 7.14
N GLU B 58 -25.24 10.06 7.62
CA GLU B 58 -24.44 10.49 8.79
C GLU B 58 -23.41 11.61 8.45
N LYS B 59 -22.82 11.56 7.26
CA LYS B 59 -21.74 12.53 6.91
C LYS B 59 -21.56 12.71 5.40
N VAL B 60 -21.23 13.94 4.96
CA VAL B 60 -20.79 14.20 3.55
C VAL B 60 -19.37 14.82 3.48
N GLU B 61 -18.46 14.14 2.79
CA GLU B 61 -17.09 14.58 2.69
CA GLU B 61 -17.06 14.58 2.69
C GLU B 61 -16.70 14.74 1.22
N PHE B 62 -15.91 15.74 0.91
CA PHE B 62 -15.53 16.04 -0.46
C PHE B 62 -14.46 15.06 -0.94
N ASP B 63 -14.33 14.90 -2.26
CA ASP B 63 -13.38 13.91 -2.75
C ASP B 63 -12.03 14.61 -2.86
N HIS B 64 -11.03 14.21 -2.08
CA HIS B 64 -9.74 14.90 -2.08
C HIS B 64 -8.67 14.28 -2.99
N GLN B 65 -7.54 14.97 -3.14
CA GLN B 65 -6.52 14.55 -4.08
C GLN B 65 -5.23 14.14 -3.38
N ALA B 66 -4.71 13.02 -3.82
CA ALA B 66 -3.37 12.58 -3.39
C ALA B 66 -2.21 13.25 -4.16
N VAL B 67 -1.04 13.28 -3.53
CA VAL B 67 0.14 13.79 -4.17
C VAL B 67 1.08 12.61 -4.37
N LEU B 68 1.59 12.45 -5.59
CA LEU B 68 2.51 11.38 -5.88
C LEU B 68 3.91 11.60 -5.34
N PRO B 69 4.35 10.77 -4.41
CA PRO B 69 5.69 10.91 -3.82
C PRO B 69 6.73 10.11 -4.59
#